data_9EOW
#
_entry.id   9EOW
#
_entity_poly.entity_id   1
_entity_poly.type   'polyribonucleotide'
_entity_poly.pdbx_seq_one_letter_code
;GGGUUUAUACCUUCCCAGGUAACAAACCC
;
_entity_poly.pdbx_strand_id   A
#
loop_
_chem_comp.id
_chem_comp.type
_chem_comp.name
_chem_comp.formula
A RNA linking ADENOSINE-5'-MONOPHOSPHATE 'C10 H14 N5 O7 P'
C RNA linking CYTIDINE-5'-MONOPHOSPHATE 'C9 H14 N3 O8 P'
G RNA linking GUANOSINE-5'-MONOPHOSPHATE 'C10 H14 N5 O8 P'
U RNA linking URIDINE-5'-MONOPHOSPHATE 'C9 H13 N2 O9 P'
#